data_2HTU
#
_entry.id   2HTU
#
_cell.length_a   89.720
_cell.length_b   89.720
_cell.length_c   93.540
_cell.angle_alpha   90.00
_cell.angle_beta   90.00
_cell.angle_gamma   90.00
#
_symmetry.space_group_name_H-M   'I 4'
#
loop_
_entity.id
_entity.type
_entity.pdbx_description
1 polymer Neuraminidase
2 non-polymer '3-(1-ACETYLAMINO-2-ETHYL-BUTYL)-4-GUANIDINO-2-HYDROXY-CYCLOPENTANECARBOXYLIC ACID'
#
_entity_poly.entity_id   1
_entity_poly.type   'polypeptide(L)'
_entity_poly.pdbx_seq_one_letter_code
;TYMNNTEAICDAKGFAPFSKDNGIRIGSRGHIFVIREPFVSCSPIECRTFFLTQGSLLNDKHSNGTVKDRSPFRTLMSVE
VGQSPNVYQARFEAVAWSATACHDGKKWMTVGVTGPDSKAVAVIHYGGVPTDVVNSWAGDILRTQESSCTCIQGDCYWVM
TDGPANRQAQYRIYKANQGRIIGQTDISFNGGHIEECSCYPNDGKVECVCRDGWTGTNRPVLVISPDLSYRVGYLCAGIP
SDTPRGEDTQFTGSCTSPMGNQGYGVKGFGFRQGTDVWMGRTISRTSRSGFEILRIKNGWTQTSKEQIRKQVVVDNLNWS
GYSGSFTLPVELSGKDCLVPCFWVEMIRGKPEEKTIWTSSSSIVMCGVDYEVADWSWHDGAILPFDIDKM
;
_entity_poly.pdbx_strand_id   A
#
loop_
_chem_comp.id
_chem_comp.type
_chem_comp.name
_chem_comp.formula
BCZ non-polymer '3-(1-ACETYLAMINO-2-ETHYL-BUTYL)-4-GUANIDINO-2-HYDROXY-CYCLOPENTANECARBOXYLIC ACID' 'C15 H28 N4 O4'
#
# COMPACT_ATOMS: atom_id res chain seq x y z
N THR A 1 19.39 -0.37 -18.87
CA THR A 1 18.60 0.76 -19.46
C THR A 1 17.39 1.07 -18.59
N TYR A 2 17.10 2.35 -18.39
CA TYR A 2 15.97 2.75 -17.55
C TYR A 2 14.62 2.30 -18.05
N MET A 3 13.76 1.96 -17.09
CA MET A 3 12.41 1.50 -17.36
C MET A 3 11.51 2.70 -17.66
N ASN A 4 10.86 2.66 -18.82
CA ASN A 4 9.96 3.72 -19.21
C ASN A 4 8.56 3.45 -18.67
N ASN A 5 8.17 4.25 -17.68
CA ASN A 5 6.85 4.16 -17.09
C ASN A 5 6.22 5.53 -17.34
N THR A 6 6.14 5.88 -18.62
CA THR A 6 5.59 7.15 -19.06
C THR A 6 4.19 6.99 -19.66
N GLU A 7 3.81 5.73 -19.87
CA GLU A 7 2.51 5.43 -20.47
C GLU A 7 1.34 5.66 -19.53
N ALA A 8 0.14 5.66 -20.09
CA ALA A 8 -1.07 5.85 -19.32
C ALA A 8 -1.51 4.52 -18.74
N ILE A 9 -2.25 4.57 -17.64
CA ILE A 9 -2.74 3.35 -17.03
C ILE A 9 -3.87 2.77 -17.90
N CYS A 10 -3.77 1.48 -18.18
CA CYS A 10 -4.79 0.80 -18.99
C CYS A 10 -6.19 0.92 -18.39
N ASP A 11 -7.21 1.01 -19.24
CA ASP A 11 -8.59 1.07 -18.74
C ASP A 11 -8.99 -0.38 -18.50
N ALA A 12 -9.32 -0.71 -17.26
CA ALA A 12 -9.71 -2.07 -16.91
C ALA A 12 -11.19 -2.21 -16.59
N LYS A 13 -11.76 -3.34 -16.98
CA LYS A 13 -13.17 -3.62 -16.75
C LYS A 13 -13.36 -4.55 -15.55
N GLY A 14 -12.30 -5.29 -15.21
CA GLY A 14 -12.40 -6.21 -14.09
C GLY A 14 -11.02 -6.56 -13.59
N PHE A 15 -10.94 -7.44 -12.59
CA PHE A 15 -9.66 -7.83 -12.03
C PHE A 15 -9.48 -9.33 -11.87
N ALA A 16 -8.34 -9.84 -12.32
CA ALA A 16 -8.05 -11.27 -12.23
C ALA A 16 -7.00 -11.56 -11.16
N PRO A 17 -7.10 -12.73 -10.51
CA PRO A 17 -6.10 -13.04 -9.47
C PRO A 17 -4.71 -13.25 -10.06
N PHE A 18 -3.70 -12.68 -9.40
CA PHE A 18 -2.31 -12.81 -9.80
C PHE A 18 -1.72 -13.89 -8.93
N SER A 19 -1.82 -13.69 -7.62
CA SER A 19 -1.27 -14.64 -6.66
C SER A 19 -1.94 -14.65 -5.30
N LYS A 20 -1.55 -15.63 -4.50
CA LYS A 20 -2.05 -15.83 -3.13
C LYS A 20 -0.93 -16.62 -2.46
N ASP A 21 -0.33 -16.07 -1.40
CA ASP A 21 0.78 -16.77 -0.77
C ASP A 21 0.47 -17.82 0.30
N ASN A 22 -0.70 -17.72 0.94
CA ASN A 22 -1.06 -18.70 1.97
C ASN A 22 -0.01 -18.72 3.10
N GLY A 23 0.58 -17.57 3.36
CA GLY A 23 1.62 -17.47 4.38
C GLY A 23 1.30 -18.04 5.75
N ILE A 24 0.16 -17.65 6.32
CA ILE A 24 -0.22 -18.11 7.64
C ILE A 24 -0.52 -19.60 7.69
N ARG A 25 -1.33 -20.09 6.75
CA ARG A 25 -1.66 -21.52 6.74
C ARG A 25 -0.37 -22.36 6.68
N ILE A 26 0.57 -21.95 5.83
CA ILE A 26 1.81 -22.67 5.71
C ILE A 26 2.58 -22.54 7.02
N GLY A 27 2.52 -21.34 7.61
CA GLY A 27 3.21 -21.03 8.85
C GLY A 27 2.85 -21.85 10.07
N SER A 28 1.85 -22.70 9.95
CA SER A 28 1.42 -23.56 11.06
C SER A 28 2.46 -24.65 11.29
N ARG A 29 3.23 -24.95 10.25
CA ARG A 29 4.27 -25.99 10.30
C ARG A 29 5.55 -25.58 9.56
N GLY A 30 5.42 -24.68 8.60
CA GLY A 30 6.58 -24.23 7.86
C GLY A 30 7.27 -23.09 8.59
N HIS A 31 8.42 -22.67 8.08
CA HIS A 31 9.18 -21.59 8.70
C HIS A 31 8.90 -20.27 8.00
N ILE A 32 7.86 -19.59 8.50
CA ILE A 32 7.40 -18.31 7.95
C ILE A 32 7.59 -17.12 8.91
N PHE A 33 8.13 -16.03 8.39
CA PHE A 33 8.32 -14.83 9.20
C PHE A 33 6.97 -14.26 9.61
N VAL A 34 6.80 -13.94 10.88
CA VAL A 34 5.57 -13.29 11.30
C VAL A 34 5.75 -11.97 10.54
N ILE A 35 4.69 -11.46 9.92
CA ILE A 35 4.84 -10.21 9.17
C ILE A 35 3.66 -9.27 9.34
N ARG A 36 3.69 -8.21 8.55
CA ARG A 36 2.64 -7.20 8.53
C ARG A 36 3.04 -6.26 7.39
N GLU A 37 2.09 -5.47 6.89
CA GLU A 37 2.34 -4.53 5.78
C GLU A 37 3.02 -5.09 4.54
N PRO A 38 2.40 -6.05 3.87
CA PRO A 38 3.07 -6.56 2.67
C PRO A 38 2.69 -5.73 1.44
N PHE A 39 3.52 -5.75 0.42
CA PHE A 39 3.20 -5.02 -0.82
C PHE A 39 3.97 -5.60 -2.01
N VAL A 40 3.50 -5.27 -3.21
CA VAL A 40 4.08 -5.76 -4.45
C VAL A 40 4.67 -4.65 -5.28
N SER A 41 5.76 -4.95 -5.97
CA SER A 41 6.46 -3.99 -6.81
C SER A 41 7.12 -4.87 -7.86
N CYS A 42 7.23 -4.38 -9.09
CA CYS A 42 7.80 -5.19 -10.15
C CYS A 42 8.97 -4.57 -10.88
N SER A 43 9.93 -5.42 -11.28
CA SER A 43 11.08 -4.98 -12.04
C SER A 43 10.75 -5.39 -13.47
N PRO A 44 11.63 -5.09 -14.44
CA PRO A 44 11.32 -5.48 -15.83
C PRO A 44 11.35 -6.99 -16.03
N ILE A 45 11.82 -7.70 -15.01
CA ILE A 45 11.94 -9.14 -15.09
C ILE A 45 11.04 -9.94 -14.15
N GLU A 46 10.68 -9.35 -13.02
CA GLU A 46 9.80 -10.03 -12.07
C GLU A 46 9.13 -9.10 -11.07
N CYS A 47 8.08 -9.60 -10.43
CA CYS A 47 7.35 -8.86 -9.40
C CYS A 47 7.73 -9.54 -8.09
N ARG A 48 7.95 -8.74 -7.05
CA ARG A 48 8.32 -9.27 -5.75
C ARG A 48 7.31 -8.84 -4.70
N THR A 49 7.27 -9.56 -3.59
CA THR A 49 6.36 -9.21 -2.50
C THR A 49 7.23 -8.77 -1.33
N PHE A 50 7.16 -7.48 -1.00
CA PHE A 50 7.96 -6.97 0.11
C PHE A 50 7.14 -7.06 1.38
N PHE A 51 7.81 -7.20 2.52
CA PHE A 51 7.09 -7.31 3.76
C PHE A 51 7.92 -6.90 4.94
N LEU A 52 7.24 -6.57 6.03
CA LEU A 52 7.91 -6.17 7.26
C LEU A 52 7.88 -7.34 8.25
N THR A 53 9.03 -7.96 8.48
CA THR A 53 9.10 -9.07 9.41
C THR A 53 9.09 -8.49 10.81
N GLN A 54 9.05 -9.35 11.82
CA GLN A 54 9.10 -8.88 13.20
C GLN A 54 10.27 -9.58 13.88
N GLY A 55 11.18 -10.06 13.02
CA GLY A 55 12.37 -10.75 13.50
C GLY A 55 12.07 -12.08 14.14
N SER A 56 10.89 -12.63 13.88
CA SER A 56 10.48 -13.90 14.46
C SER A 56 9.60 -14.72 13.51
N LEU A 57 9.34 -15.97 13.88
CA LEU A 57 8.54 -16.85 13.03
C LEU A 57 7.22 -17.29 13.67
N LEU A 58 6.28 -17.70 12.82
CA LEU A 58 4.98 -18.17 13.26
C LEU A 58 5.12 -19.48 14.04
N ASN A 59 4.29 -19.64 15.07
CA ASN A 59 4.29 -20.81 15.95
C ASN A 59 5.54 -20.92 16.82
N ASP A 60 6.12 -19.77 17.12
CA ASP A 60 7.30 -19.70 17.97
C ASP A 60 7.01 -18.63 19.01
N LYS A 61 7.56 -18.78 20.20
CA LYS A 61 7.33 -17.83 21.28
C LYS A 61 7.67 -16.36 20.96
N HIS A 62 8.62 -16.14 20.06
CA HIS A 62 9.03 -14.79 19.67
C HIS A 62 7.94 -14.00 18.91
N SER A 63 6.85 -14.69 18.59
CA SER A 63 5.75 -14.05 17.89
C SER A 63 4.80 -13.41 18.93
N ASN A 64 5.21 -13.44 20.20
CA ASN A 64 4.39 -12.90 21.28
C ASN A 64 3.71 -11.55 21.04
N GLY A 65 4.34 -10.45 21.41
CA GLY A 65 3.68 -9.16 21.23
C GLY A 65 3.77 -8.58 19.83
N THR A 66 3.79 -9.44 18.81
CA THR A 66 3.90 -8.99 17.43
C THR A 66 2.71 -8.21 16.88
N VAL A 67 2.33 -7.15 17.59
CA VAL A 67 1.22 -6.30 17.17
C VAL A 67 1.69 -4.88 17.39
N LYS A 68 2.81 -4.74 18.10
CA LYS A 68 3.41 -3.45 18.47
C LYS A 68 3.86 -2.47 17.38
N ASP A 69 3.59 -2.80 16.11
CA ASP A 69 3.97 -1.92 15.00
C ASP A 69 5.45 -1.62 14.81
N ARG A 70 6.14 -1.19 15.87
CA ARG A 70 7.55 -0.84 15.75
C ARG A 70 8.48 -1.45 16.80
N SER A 71 9.65 -1.92 16.34
CA SER A 71 10.65 -2.51 17.22
C SER A 71 11.98 -2.53 16.47
N PRO A 72 13.09 -2.77 17.17
CA PRO A 72 14.39 -2.80 16.50
C PRO A 72 14.68 -4.13 15.84
N PHE A 73 13.69 -5.02 15.81
CA PHE A 73 13.87 -6.34 15.21
C PHE A 73 13.17 -6.40 13.86
N ARG A 74 12.38 -5.38 13.60
CA ARG A 74 11.59 -5.28 12.39
C ARG A 74 12.48 -5.05 11.17
N THR A 75 12.35 -5.92 10.16
CA THR A 75 13.15 -5.78 8.94
C THR A 75 12.30 -5.93 7.68
N LEU A 76 12.70 -5.21 6.63
CA LEU A 76 12.03 -5.28 5.34
C LEU A 76 12.73 -6.36 4.52
N MET A 77 11.96 -7.31 4.01
CA MET A 77 12.53 -8.38 3.19
C MET A 77 11.60 -8.59 1.98
N SER A 78 12.02 -9.45 1.05
CA SER A 78 11.22 -9.71 -0.15
C SER A 78 11.40 -11.14 -0.67
N VAL A 79 10.44 -11.56 -1.50
CA VAL A 79 10.40 -12.86 -2.15
C VAL A 79 9.68 -12.62 -3.47
N GLU A 80 9.67 -13.61 -4.35
CA GLU A 80 8.96 -13.43 -5.61
C GLU A 80 7.47 -13.42 -5.27
N VAL A 81 6.70 -12.56 -5.93
CA VAL A 81 5.27 -12.48 -5.63
C VAL A 81 4.67 -13.89 -5.69
N GLY A 82 3.83 -14.20 -4.70
CA GLY A 82 3.21 -15.51 -4.67
C GLY A 82 3.82 -16.47 -3.65
N GLN A 83 5.10 -16.32 -3.32
CA GLN A 83 5.71 -17.19 -2.32
C GLN A 83 5.39 -16.65 -0.94
N SER A 84 5.27 -17.53 0.03
CA SER A 84 5.00 -17.09 1.39
C SER A 84 6.23 -16.33 1.86
N PRO A 85 6.11 -15.56 2.96
CA PRO A 85 7.32 -14.85 3.39
C PRO A 85 8.14 -15.81 4.26
N ASN A 86 8.65 -16.86 3.61
CA ASN A 86 9.45 -17.86 4.31
C ASN A 86 10.91 -17.45 4.43
N VAL A 87 11.59 -18.01 5.41
CA VAL A 87 12.98 -17.69 5.68
C VAL A 87 13.95 -17.97 4.53
N TYR A 88 13.97 -19.21 4.08
CA TYR A 88 14.90 -19.67 3.07
C TYR A 88 14.83 -19.11 1.66
N GLN A 89 13.74 -18.44 1.30
CA GLN A 89 13.63 -17.87 -0.04
C GLN A 89 13.72 -16.33 0.01
N ALA A 90 13.83 -15.78 1.22
CA ALA A 90 13.85 -14.34 1.41
C ALA A 90 15.15 -13.59 1.15
N ARG A 91 14.99 -12.40 0.59
CA ARG A 91 16.10 -11.52 0.30
C ARG A 91 16.04 -10.40 1.33
N PHE A 92 17.18 -10.06 1.90
CA PHE A 92 17.18 -9.00 2.87
C PHE A 92 17.23 -7.66 2.12
N GLU A 93 16.37 -6.74 2.54
CA GLU A 93 16.32 -5.41 1.92
C GLU A 93 16.82 -4.32 2.86
N ALA A 94 16.12 -4.10 3.97
CA ALA A 94 16.52 -3.06 4.93
C ALA A 94 16.02 -3.30 6.35
N VAL A 95 16.58 -2.56 7.30
CA VAL A 95 16.14 -2.67 8.70
C VAL A 95 14.99 -1.67 8.75
N ALA A 96 13.79 -2.11 9.12
CA ALA A 96 12.67 -1.17 9.14
C ALA A 96 11.35 -1.65 9.72
N TRP A 97 10.59 -0.68 10.23
CA TRP A 97 9.26 -0.96 10.74
C TRP A 97 8.26 -0.18 9.88
N SER A 98 8.79 0.40 8.79
CA SER A 98 8.02 1.15 7.82
C SER A 98 8.90 1.14 6.55
N ALA A 99 8.30 0.95 5.36
CA ALA A 99 9.10 0.88 4.14
C ALA A 99 8.37 1.16 2.84
N THR A 100 9.17 1.15 1.76
CA THR A 100 8.69 1.32 0.39
C THR A 100 9.82 0.82 -0.51
N ALA A 101 9.49 0.40 -1.73
CA ALA A 101 10.49 -0.10 -2.66
C ALA A 101 9.98 -0.10 -4.10
N CYS A 102 10.90 -0.04 -5.06
CA CYS A 102 10.54 -0.02 -6.48
C CYS A 102 11.79 -0.19 -7.33
N HIS A 103 11.63 -0.70 -8.55
CA HIS A 103 12.76 -0.92 -9.46
C HIS A 103 12.75 0.20 -10.50
N ASP A 104 13.91 0.71 -10.88
CA ASP A 104 14.00 1.80 -11.86
C ASP A 104 14.37 1.35 -13.26
N GLY A 105 14.39 0.04 -13.49
CA GLY A 105 14.76 -0.48 -14.79
C GLY A 105 16.15 -1.07 -14.77
N LYS A 106 16.96 -0.65 -13.81
CA LYS A 106 18.33 -1.15 -13.68
C LYS A 106 18.56 -1.91 -12.37
N LYS A 107 17.98 -1.39 -11.29
CA LYS A 107 18.13 -2.01 -9.97
C LYS A 107 16.95 -1.73 -9.03
N TRP A 108 16.99 -2.37 -7.87
CA TRP A 108 15.95 -2.19 -6.86
C TRP A 108 16.34 -1.09 -5.89
N MET A 109 15.37 -0.26 -5.54
CA MET A 109 15.59 0.79 -4.57
C MET A 109 14.60 0.50 -3.44
N THR A 110 15.09 0.57 -2.21
CA THR A 110 14.21 0.33 -1.07
C THR A 110 14.46 1.41 -0.01
N VAL A 111 13.43 1.70 0.77
CA VAL A 111 13.56 2.70 1.81
C VAL A 111 12.99 2.12 3.10
N GLY A 112 13.86 1.88 4.06
CA GLY A 112 13.43 1.33 5.33
C GLY A 112 13.58 2.37 6.41
N VAL A 113 12.56 2.53 7.23
CA VAL A 113 12.63 3.51 8.31
C VAL A 113 12.69 2.78 9.63
N THR A 114 13.71 3.10 10.41
CA THR A 114 13.85 2.49 11.72
C THR A 114 14.43 3.50 12.68
N GLY A 115 14.75 3.07 13.88
CA GLY A 115 15.30 3.98 14.87
C GLY A 115 14.26 4.31 15.92
N PRO A 116 14.52 5.32 16.76
CA PRO A 116 13.59 5.72 17.80
C PRO A 116 12.49 6.59 17.23
N ASP A 117 11.32 6.54 17.86
CA ASP A 117 10.16 7.32 17.43
C ASP A 117 10.39 8.82 17.26
N SER A 118 11.18 9.43 18.15
CA SER A 118 11.42 10.88 18.06
C SER A 118 12.51 11.33 17.08
N LYS A 119 13.36 10.42 16.62
CA LYS A 119 14.41 10.76 15.66
C LYS A 119 14.74 9.57 14.77
N ALA A 120 13.75 9.08 14.05
CA ALA A 120 13.94 7.93 13.18
C ALA A 120 14.75 8.27 11.93
N VAL A 121 15.34 7.23 11.34
CA VAL A 121 16.14 7.41 10.14
C VAL A 121 15.69 6.49 9.03
N ALA A 122 15.54 7.07 7.85
CA ALA A 122 15.15 6.33 6.65
C ALA A 122 16.40 6.06 5.81
N VAL A 123 16.80 4.81 5.74
CA VAL A 123 17.97 4.45 4.94
C VAL A 123 17.51 4.05 3.53
N ILE A 124 18.07 4.71 2.51
CA ILE A 124 17.72 4.41 1.13
C ILE A 124 18.75 3.42 0.58
N HIS A 125 18.26 2.37 -0.08
CA HIS A 125 19.13 1.35 -0.65
C HIS A 125 18.94 1.29 -2.17
N TYR A 126 20.00 0.92 -2.87
CA TYR A 126 19.96 0.79 -4.31
C TYR A 126 21.03 -0.22 -4.66
N GLY A 127 20.61 -1.36 -5.19
CA GLY A 127 21.55 -2.40 -5.57
C GLY A 127 21.97 -3.32 -4.42
N GLY A 128 21.30 -3.21 -3.27
CA GLY A 128 21.63 -4.06 -2.14
C GLY A 128 22.63 -3.47 -1.16
N VAL A 129 22.74 -2.15 -1.21
CA VAL A 129 23.66 -1.41 -0.36
C VAL A 129 23.08 -0.02 -0.06
N PRO A 130 23.17 0.44 1.20
CA PRO A 130 22.63 1.77 1.52
C PRO A 130 23.32 2.83 0.66
N THR A 131 22.57 3.83 0.18
CA THR A 131 23.16 4.87 -0.65
C THR A 131 22.89 6.29 -0.19
N ASP A 132 21.79 6.50 0.51
CA ASP A 132 21.46 7.83 1.04
C ASP A 132 20.57 7.68 2.26
N VAL A 133 20.25 8.79 2.91
CA VAL A 133 19.44 8.74 4.11
C VAL A 133 18.55 9.97 4.29
N VAL A 134 17.43 9.80 4.99
CA VAL A 134 16.53 10.90 5.31
C VAL A 134 16.31 10.82 6.81
N ASN A 135 16.57 11.90 7.53
CA ASN A 135 16.36 11.90 8.98
C ASN A 135 14.99 12.46 9.29
N SER A 136 14.45 12.07 10.44
CA SER A 136 13.15 12.55 10.85
C SER A 136 13.24 14.07 10.84
N TRP A 137 12.24 14.73 10.26
CA TRP A 137 12.24 16.18 10.17
C TRP A 137 11.19 16.83 11.08
N ALA A 138 10.31 16.02 11.65
CA ALA A 138 9.27 16.49 12.53
C ALA A 138 9.44 15.79 13.89
N GLY A 139 10.31 14.78 13.91
CA GLY A 139 10.61 14.04 15.11
C GLY A 139 9.50 13.24 15.74
N ASP A 140 8.62 12.68 14.91
CA ASP A 140 7.50 11.92 15.43
C ASP A 140 7.09 10.81 14.45
N ILE A 141 7.77 9.68 14.58
CA ILE A 141 7.54 8.51 13.74
C ILE A 141 7.65 8.82 12.23
N LEU A 142 8.87 9.08 11.75
CA LEU A 142 9.06 9.34 10.32
C LEU A 142 8.63 8.03 9.66
N ARG A 143 7.71 8.09 8.70
CA ARG A 143 7.20 6.88 8.05
C ARG A 143 6.87 7.05 6.57
N THR A 144 6.60 5.94 5.90
CA THR A 144 6.29 6.00 4.49
C THR A 144 5.11 5.14 4.01
N GLN A 145 5.04 4.98 2.68
CA GLN A 145 3.97 4.27 1.97
C GLN A 145 3.43 2.89 2.37
N GLU A 146 4.31 1.95 2.64
CA GLU A 146 3.91 0.58 2.96
C GLU A 146 3.39 -0.05 1.70
N SER A 147 3.75 0.56 0.57
CA SER A 147 3.39 0.08 -0.75
C SER A 147 4.49 0.48 -1.74
N SER A 148 4.39 -0.01 -2.97
CA SER A 148 5.38 0.28 -4.00
C SER A 148 5.64 1.77 -4.29
N CYS A 149 6.90 2.16 -4.45
CA CYS A 149 7.19 3.54 -4.79
C CYS A 149 7.10 3.63 -6.30
N THR A 150 7.36 4.80 -6.86
CA THR A 150 7.22 4.98 -8.31
C THR A 150 8.43 5.56 -9.03
N CYS A 151 8.92 4.83 -10.03
CA CYS A 151 10.07 5.25 -10.82
C CYS A 151 9.63 5.54 -12.26
N ILE A 152 9.96 6.73 -12.75
CA ILE A 152 9.63 7.14 -14.10
C ILE A 152 10.93 7.60 -14.72
N GLN A 153 11.29 7.00 -15.86
CA GLN A 153 12.52 7.34 -16.58
C GLN A 153 13.76 7.52 -15.72
N GLY A 154 14.08 6.52 -14.91
CA GLY A 154 15.26 6.61 -14.09
C GLY A 154 15.12 7.27 -12.74
N ASP A 155 14.05 8.04 -12.55
CA ASP A 155 13.82 8.73 -11.27
C ASP A 155 12.72 8.06 -10.49
N CYS A 156 12.89 7.95 -9.19
CA CYS A 156 11.88 7.32 -8.36
C CYS A 156 11.37 8.32 -7.35
N TYR A 157 10.07 8.25 -7.06
CA TYR A 157 9.42 9.15 -6.12
C TYR A 157 8.64 8.39 -5.06
N TRP A 158 8.49 9.00 -3.90
CA TRP A 158 7.72 8.40 -2.82
C TRP A 158 7.33 9.48 -1.82
N VAL A 159 6.35 9.16 -0.98
CA VAL A 159 5.85 10.09 0.01
C VAL A 159 6.11 9.59 1.42
N MET A 160 6.47 10.51 2.31
CA MET A 160 6.76 10.20 3.70
C MET A 160 5.94 11.11 4.59
N THR A 161 5.66 10.65 5.80
CA THR A 161 4.90 11.44 6.75
C THR A 161 5.69 11.51 8.04
N ASP A 162 5.60 12.63 8.75
CA ASP A 162 6.29 12.81 10.03
C ASP A 162 5.43 13.75 10.88
N GLY A 163 4.98 13.25 12.04
CA GLY A 163 4.14 14.04 12.92
C GLY A 163 3.03 13.22 13.54
N PRO A 164 2.00 13.85 14.13
CA PRO A 164 0.91 13.09 14.76
C PRO A 164 0.11 12.20 13.79
N ALA A 165 -0.46 11.14 14.34
CA ALA A 165 -1.27 10.22 13.54
C ALA A 165 -2.75 10.54 13.65
N ASN A 166 -3.07 11.64 14.34
CA ASN A 166 -4.46 12.11 14.51
C ASN A 166 -4.52 13.52 13.92
N ARG A 167 -4.22 14.51 14.76
CA ARG A 167 -4.22 15.90 14.34
C ARG A 167 -3.22 16.14 13.21
N GLN A 168 -3.16 17.36 12.70
CA GLN A 168 -2.25 17.73 11.62
C GLN A 168 -0.83 17.17 11.76
N ALA A 169 -0.27 16.73 10.63
CA ALA A 169 1.10 16.21 10.57
C ALA A 169 1.75 16.89 9.37
N GLN A 170 2.96 16.46 8.99
CA GLN A 170 3.66 17.06 7.86
C GLN A 170 3.93 16.00 6.79
N TYR A 171 3.93 16.40 5.52
CA TYR A 171 4.12 15.45 4.43
C TYR A 171 5.03 15.96 3.33
N ARG A 172 5.84 15.06 2.76
CA ARG A 172 6.80 15.42 1.73
C ARG A 172 6.89 14.42 0.58
N ILE A 173 7.37 14.89 -0.55
CA ILE A 173 7.58 14.04 -1.71
C ILE A 173 9.10 13.91 -1.85
N TYR A 174 9.61 12.71 -2.03
CA TYR A 174 11.05 12.55 -2.20
C TYR A 174 11.35 12.05 -3.59
N LYS A 175 12.45 12.54 -4.15
CA LYS A 175 12.87 12.13 -5.48
C LYS A 175 14.33 11.66 -5.43
N ALA A 176 14.60 10.53 -6.06
CA ALA A 176 15.96 10.02 -6.07
C ALA A 176 16.29 9.42 -7.42
N ASN A 177 17.59 9.34 -7.69
CA ASN A 177 18.10 8.75 -8.90
C ASN A 177 19.33 7.94 -8.49
N GLN A 178 19.30 6.63 -8.77
CA GLN A 178 20.40 5.74 -8.42
C GLN A 178 20.68 5.70 -6.93
N GLY A 179 19.62 5.84 -6.14
CA GLY A 179 19.78 5.77 -4.70
C GLY A 179 20.21 7.07 -4.02
N ARG A 180 20.48 8.10 -4.80
CA ARG A 180 20.89 9.38 -4.24
C ARG A 180 19.73 10.38 -4.32
N ILE A 181 19.36 10.95 -3.18
CA ILE A 181 18.27 11.92 -3.14
C ILE A 181 18.68 13.17 -3.94
N ILE A 182 17.79 13.62 -4.81
CA ILE A 182 18.08 14.81 -5.62
C ILE A 182 16.91 15.81 -5.59
N GLY A 183 16.00 15.64 -4.64
CA GLY A 183 14.88 16.55 -4.55
C GLY A 183 13.84 16.17 -3.50
N GLN A 184 13.18 17.19 -2.95
CA GLN A 184 12.14 16.99 -1.96
C GLN A 184 11.23 18.21 -1.93
N THR A 185 9.97 17.99 -1.56
CA THR A 185 9.02 19.07 -1.51
C THR A 185 8.10 18.90 -0.32
N ASP A 186 7.71 20.02 0.26
CA ASP A 186 6.79 20.03 1.38
C ASP A 186 5.38 20.14 0.80
N ILE A 187 4.47 19.30 1.28
CA ILE A 187 3.09 19.32 0.82
C ILE A 187 2.27 20.14 1.80
N SER A 188 1.66 21.22 1.32
CA SER A 188 0.81 22.05 2.17
C SER A 188 -0.58 21.44 2.08
N PHE A 189 -1.11 21.02 3.22
CA PHE A 189 -2.41 20.38 3.26
C PHE A 189 -2.99 20.68 4.63
N ASN A 190 -3.20 21.96 4.91
CA ASN A 190 -3.73 22.38 6.20
C ASN A 190 -5.18 21.95 6.42
N GLY A 191 -5.35 20.99 7.32
CA GLY A 191 -6.66 20.47 7.63
C GLY A 191 -6.74 19.04 7.14
N GLY A 192 -5.91 18.72 6.17
CA GLY A 192 -5.90 17.38 5.61
C GLY A 192 -4.84 16.52 6.27
N HIS A 193 -4.98 15.20 6.13
CA HIS A 193 -4.03 14.28 6.72
C HIS A 193 -3.62 13.18 5.72
N ILE A 194 -2.32 12.99 5.53
CA ILE A 194 -1.82 12.00 4.59
C ILE A 194 -0.97 10.90 5.24
N GLU A 195 -1.32 9.65 4.95
CA GLU A 195 -0.62 8.48 5.46
C GLU A 195 -0.61 7.40 4.38
N GLU A 196 0.39 6.53 4.48
CA GLU A 196 0.54 5.36 3.61
C GLU A 196 -0.02 5.48 2.20
N CYS A 197 0.51 6.43 1.44
CA CYS A 197 0.02 6.59 0.08
C CYS A 197 0.27 5.37 -0.79
N SER A 198 -0.71 5.07 -1.63
CA SER A 198 -0.62 3.97 -2.57
C SER A 198 -0.47 4.75 -3.88
N CYS A 199 0.64 4.53 -4.59
CA CYS A 199 0.90 5.28 -5.82
C CYS A 199 1.16 4.43 -7.04
N TYR A 200 1.08 5.06 -8.20
CA TYR A 200 1.30 4.39 -9.48
C TYR A 200 1.59 5.43 -10.57
N PRO A 201 2.21 5.00 -11.69
CA PRO A 201 2.52 5.92 -12.78
C PRO A 201 1.32 6.12 -13.71
N ASN A 202 1.11 7.34 -14.20
CA ASN A 202 0.01 7.62 -15.11
C ASN A 202 0.32 8.84 -15.98
N ASP A 203 0.30 8.66 -17.29
CA ASP A 203 0.58 9.74 -18.25
C ASP A 203 1.81 10.55 -17.88
N GLY A 204 2.84 9.86 -17.37
CA GLY A 204 4.07 10.55 -17.01
C GLY A 204 4.11 11.20 -15.65
N LYS A 205 3.09 10.99 -14.82
CA LYS A 205 3.06 11.60 -13.49
C LYS A 205 2.75 10.58 -12.42
N VAL A 206 3.08 10.92 -11.17
CA VAL A 206 2.83 10.00 -10.07
C VAL A 206 1.49 10.27 -9.38
N GLU A 207 0.59 9.30 -9.46
CA GLU A 207 -0.73 9.41 -8.85
C GLU A 207 -0.90 8.51 -7.62
N CYS A 208 -1.27 9.11 -6.50
CA CYS A 208 -1.48 8.36 -5.26
C CYS A 208 -2.86 8.56 -4.64
N VAL A 209 -3.27 7.52 -3.92
CA VAL A 209 -4.53 7.48 -3.17
C VAL A 209 -4.01 7.12 -1.78
N CYS A 210 -4.25 7.99 -0.80
CA CYS A 210 -3.71 7.73 0.53
C CYS A 210 -4.72 7.47 1.66
N ARG A 211 -4.31 7.76 2.88
CA ARG A 211 -5.13 7.53 4.08
C ARG A 211 -5.12 8.74 5.01
N ASP A 212 -6.31 9.18 5.42
CA ASP A 212 -6.45 10.29 6.33
C ASP A 212 -6.89 9.69 7.67
N GLY A 213 -5.97 9.58 8.62
CA GLY A 213 -6.31 9.02 9.91
C GLY A 213 -6.72 10.08 10.91
N TRP A 214 -7.01 11.28 10.43
CA TRP A 214 -7.41 12.40 11.29
C TRP A 214 -8.92 12.54 11.44
N THR A 215 -9.59 12.98 10.38
CA THR A 215 -11.03 13.19 10.43
C THR A 215 -11.81 12.69 9.21
N GLY A 216 -11.09 12.33 8.14
CA GLY A 216 -11.76 11.89 6.93
C GLY A 216 -11.99 10.41 6.68
N THR A 217 -13.11 10.10 6.05
CA THR A 217 -13.47 8.74 5.70
C THR A 217 -13.24 8.55 4.20
N ASN A 218 -12.99 9.65 3.51
CA ASN A 218 -12.69 9.63 2.10
C ASN A 218 -11.16 9.77 2.03
N ARG A 219 -10.55 9.22 0.98
CA ARG A 219 -9.11 9.23 0.83
C ARG A 219 -8.48 10.41 0.10
N PRO A 220 -7.36 10.91 0.65
CA PRO A 220 -6.62 12.04 0.07
C PRO A 220 -6.02 11.60 -1.26
N VAL A 221 -5.81 12.53 -2.17
CA VAL A 221 -5.22 12.25 -3.47
C VAL A 221 -4.19 13.32 -3.85
N LEU A 222 -3.13 12.90 -4.51
CA LEU A 222 -2.11 13.83 -4.96
C LEU A 222 -1.51 13.35 -6.27
N VAL A 223 -1.36 14.26 -7.22
CA VAL A 223 -0.77 13.96 -8.51
C VAL A 223 0.57 14.66 -8.51
N ILE A 224 1.63 13.88 -8.61
CA ILE A 224 2.99 14.39 -8.57
C ILE A 224 3.68 14.40 -9.94
N SER A 225 4.15 15.58 -10.35
CA SER A 225 4.88 15.70 -11.61
C SER A 225 6.34 15.48 -11.28
N PRO A 226 7.13 14.96 -12.24
CA PRO A 226 8.55 14.71 -12.00
C PRO A 226 9.32 15.91 -11.45
N ASP A 227 8.90 17.12 -11.80
CA ASP A 227 9.59 18.32 -11.32
C ASP A 227 9.31 18.60 -9.84
N LEU A 228 8.37 17.85 -9.28
CA LEU A 228 7.98 17.96 -7.87
C LEU A 228 6.83 18.94 -7.56
N SER A 229 6.22 19.51 -8.61
CA SER A 229 5.05 20.36 -8.37
C SER A 229 4.01 19.28 -8.13
N TYR A 230 2.90 19.62 -7.46
CA TYR A 230 1.88 18.62 -7.17
C TYR A 230 0.46 19.16 -7.07
N ARG A 231 -0.45 18.25 -6.78
CA ARG A 231 -1.86 18.57 -6.62
C ARG A 231 -2.38 17.66 -5.50
N VAL A 232 -2.83 18.26 -4.41
CA VAL A 232 -3.34 17.49 -3.28
C VAL A 232 -4.84 17.73 -3.07
N GLY A 233 -5.54 16.67 -2.68
CA GLY A 233 -6.98 16.76 -2.46
C GLY A 233 -7.54 15.43 -1.98
N TYR A 234 -8.83 15.20 -2.22
CA TYR A 234 -9.43 13.94 -1.81
C TYR A 234 -10.10 13.29 -3.01
N LEU A 235 -10.34 11.98 -2.94
CA LEU A 235 -11.03 11.31 -4.04
C LEU A 235 -12.40 11.96 -4.08
N CYS A 236 -12.69 12.66 -5.17
CA CYS A 236 -13.97 13.34 -5.30
C CYS A 236 -15.18 12.43 -4.99
N ALA A 237 -15.16 11.21 -5.53
CA ALA A 237 -16.25 10.26 -5.36
C ALA A 237 -17.03 10.44 -4.07
N GLY A 238 -18.35 10.38 -4.18
CA GLY A 238 -19.22 10.54 -3.04
C GLY A 238 -19.43 9.26 -2.27
N ILE A 239 -18.46 8.36 -2.37
CA ILE A 239 -18.50 7.08 -1.68
C ILE A 239 -17.22 7.01 -0.85
N PRO A 240 -17.36 6.88 0.48
CA PRO A 240 -16.23 6.80 1.39
C PRO A 240 -15.56 5.43 1.27
N SER A 241 -14.26 5.41 0.99
CA SER A 241 -13.53 4.17 0.83
C SER A 241 -12.55 3.85 1.95
N ASP A 242 -12.69 4.49 3.10
CA ASP A 242 -11.78 4.23 4.22
C ASP A 242 -12.53 3.36 5.25
N THR A 243 -11.84 2.96 6.32
CA THR A 243 -12.43 2.14 7.39
C THR A 243 -11.79 2.48 8.73
N PRO A 244 -12.61 2.81 9.75
CA PRO A 244 -14.08 2.86 9.72
C PRO A 244 -14.64 4.05 8.95
N ARG A 245 -15.94 3.96 8.67
CA ARG A 245 -16.65 4.98 7.92
C ARG A 245 -18.14 4.79 8.19
N GLY A 246 -18.96 5.67 7.59
CA GLY A 246 -20.40 5.55 7.79
C GLY A 246 -21.03 5.04 6.52
N GLU A 247 -22.37 5.08 6.46
CA GLU A 247 -23.10 4.62 5.28
C GLU A 247 -22.76 5.44 4.05
N ASP A 248 -22.96 4.87 2.87
CA ASP A 248 -22.68 5.59 1.64
C ASP A 248 -23.77 6.61 1.38
N THR A 249 -25.03 6.23 1.66
CA THR A 249 -26.17 7.11 1.44
C THR A 249 -26.02 8.41 2.19
N GLN A 250 -25.49 8.33 3.41
CA GLN A 250 -25.31 9.52 4.24
C GLN A 250 -23.97 10.21 4.00
N PHE A 251 -23.29 9.87 2.91
CA PHE A 251 -22.01 10.51 2.61
C PHE A 251 -22.09 11.56 1.51
N THR A 252 -21.30 12.62 1.65
CA THR A 252 -21.23 13.67 0.65
C THR A 252 -19.76 13.79 0.28
N GLY A 253 -19.45 13.61 -0.98
CA GLY A 253 -18.07 13.69 -1.41
C GLY A 253 -17.51 15.10 -1.40
N SER A 254 -16.26 15.21 -1.82
CA SER A 254 -15.53 16.47 -1.90
C SER A 254 -14.15 16.15 -2.44
N CYS A 255 -13.68 16.94 -3.41
CA CYS A 255 -12.37 16.73 -3.99
C CYS A 255 -11.37 17.60 -3.22
N THR A 256 -11.90 18.41 -2.31
CA THR A 256 -11.10 19.37 -1.59
C THR A 256 -10.87 19.14 -0.10
N SER A 257 -11.88 18.64 0.59
CA SER A 257 -11.75 18.47 2.03
C SER A 257 -12.17 17.12 2.57
N PRO A 258 -11.70 16.79 3.79
CA PRO A 258 -12.07 15.50 4.39
C PRO A 258 -13.52 15.52 4.81
N MET A 259 -14.22 14.40 4.65
CA MET A 259 -15.62 14.31 5.03
C MET A 259 -15.86 13.14 5.99
N GLY A 260 -16.84 13.30 6.87
CA GLY A 260 -17.14 12.27 7.85
C GLY A 260 -16.41 12.63 9.14
N ASN A 261 -16.79 12.04 10.26
CA ASN A 261 -16.09 12.35 11.51
C ASN A 261 -15.10 11.26 11.88
N GLN A 262 -15.37 10.05 11.41
CA GLN A 262 -14.51 8.92 11.67
C GLN A 262 -13.06 9.38 11.71
N GLY A 263 -12.36 9.01 12.79
CA GLY A 263 -10.97 9.40 12.94
C GLY A 263 -9.96 8.45 12.33
N TYR A 264 -9.88 7.23 12.86
CA TYR A 264 -8.91 6.22 12.45
C TYR A 264 -8.74 5.98 10.95
N GLY A 265 -8.61 4.72 10.55
CA GLY A 265 -8.46 4.42 9.13
C GLY A 265 -7.67 3.17 8.81
N VAL A 266 -7.44 2.97 7.51
CA VAL A 266 -6.70 1.82 7.01
C VAL A 266 -6.12 2.16 5.64
N LYS A 267 -4.93 1.65 5.34
CA LYS A 267 -4.33 1.91 4.04
C LYS A 267 -5.23 1.35 2.95
N GLY A 268 -5.35 2.09 1.86
CA GLY A 268 -6.17 1.67 0.74
C GLY A 268 -5.58 2.21 -0.54
N PHE A 269 -6.21 1.91 -1.67
CA PHE A 269 -5.71 2.38 -2.94
C PHE A 269 -6.84 2.88 -3.84
N GLY A 270 -6.46 3.30 -5.05
CA GLY A 270 -7.41 3.76 -6.03
C GLY A 270 -6.73 4.02 -7.37
N PHE A 271 -7.38 3.67 -8.47
CA PHE A 271 -6.81 3.92 -9.80
C PHE A 271 -7.72 4.83 -10.59
N ARG A 272 -7.12 5.79 -11.29
CA ARG A 272 -7.89 6.70 -12.13
C ARG A 272 -8.09 5.99 -13.45
N GLN A 273 -9.26 6.17 -14.06
CA GLN A 273 -9.57 5.59 -15.34
C GLN A 273 -10.22 6.72 -16.11
N GLY A 274 -9.41 7.58 -16.71
CA GLY A 274 -9.98 8.73 -17.41
C GLY A 274 -10.54 9.63 -16.33
N THR A 275 -11.88 9.73 -16.24
CA THR A 275 -12.51 10.55 -15.20
C THR A 275 -13.03 9.65 -14.10
N ASP A 276 -13.13 8.35 -14.41
CA ASP A 276 -13.62 7.32 -13.48
C ASP A 276 -12.54 6.91 -12.47
N VAL A 277 -12.91 6.07 -11.52
CA VAL A 277 -11.98 5.55 -10.51
C VAL A 277 -12.35 4.17 -9.99
N TRP A 278 -11.32 3.34 -9.89
CA TRP A 278 -11.47 2.00 -9.33
C TRP A 278 -11.02 2.25 -7.89
N MET A 279 -11.89 2.01 -6.93
CA MET A 279 -11.56 2.23 -5.52
C MET A 279 -11.78 0.98 -4.70
N GLY A 280 -10.79 0.63 -3.89
CA GLY A 280 -10.91 -0.55 -3.05
C GLY A 280 -11.38 -0.20 -1.65
N ARG A 281 -11.95 -1.18 -0.95
CA ARG A 281 -12.42 -0.94 0.40
C ARG A 281 -12.84 -2.21 1.10
N THR A 282 -12.88 -2.18 2.43
CA THR A 282 -13.31 -3.36 3.17
C THR A 282 -14.82 -3.37 3.07
N ILE A 283 -15.44 -4.55 3.11
CA ILE A 283 -16.89 -4.62 3.00
C ILE A 283 -17.45 -4.05 4.29
N SER A 284 -17.00 -4.57 5.44
CA SER A 284 -17.46 -4.05 6.73
C SER A 284 -17.07 -2.56 6.72
N ARG A 285 -17.93 -1.73 7.29
CA ARG A 285 -17.66 -0.29 7.32
C ARG A 285 -17.07 0.11 8.67
N THR A 286 -17.09 -0.83 9.60
CA THR A 286 -16.56 -0.59 10.94
C THR A 286 -15.30 -1.40 11.23
N SER A 287 -15.14 -2.53 10.56
CA SER A 287 -14.00 -3.38 10.83
C SER A 287 -13.18 -3.72 9.59
N ARG A 288 -12.05 -4.37 9.81
CA ARG A 288 -11.18 -4.74 8.70
C ARG A 288 -11.50 -6.17 8.26
N SER A 289 -12.67 -6.31 7.65
CA SER A 289 -13.12 -7.60 7.16
C SER A 289 -13.70 -7.44 5.75
N GLY A 290 -13.52 -8.47 4.92
CA GLY A 290 -14.01 -8.43 3.56
C GLY A 290 -13.27 -7.42 2.70
N PHE A 291 -13.43 -7.53 1.38
CA PHE A 291 -12.80 -6.58 0.47
C PHE A 291 -13.45 -6.54 -0.89
N GLU A 292 -13.70 -5.33 -1.38
CA GLU A 292 -14.32 -5.16 -2.68
C GLU A 292 -13.75 -3.92 -3.33
N ILE A 293 -13.88 -3.85 -4.65
CA ILE A 293 -13.39 -2.70 -5.40
C ILE A 293 -14.55 -2.26 -6.27
N LEU A 294 -14.77 -0.95 -6.34
CA LEU A 294 -15.88 -0.41 -7.10
C LEU A 294 -15.34 0.54 -8.15
N ARG A 295 -16.04 0.63 -9.28
CA ARG A 295 -15.67 1.57 -10.32
C ARG A 295 -16.78 2.61 -10.32
N ILE A 296 -16.41 3.87 -10.08
CA ILE A 296 -17.37 4.96 -10.04
C ILE A 296 -17.20 5.86 -11.27
N LYS A 297 -18.26 5.99 -12.07
CA LYS A 297 -18.18 6.83 -13.27
C LYS A 297 -17.92 8.29 -12.90
N ASN A 298 -16.96 8.91 -13.57
CA ASN A 298 -16.60 10.30 -13.29
C ASN A 298 -16.14 10.44 -11.84
N GLY A 299 -15.99 9.31 -11.16
CA GLY A 299 -15.59 9.30 -9.76
C GLY A 299 -14.33 10.03 -9.37
N TRP A 300 -13.42 10.22 -10.32
CA TRP A 300 -12.17 10.89 -10.01
C TRP A 300 -12.27 12.41 -10.01
N THR A 301 -13.17 12.96 -10.84
CA THR A 301 -13.30 14.41 -10.95
C THR A 301 -14.56 15.06 -10.37
N GLN A 302 -15.51 14.24 -9.94
CA GLN A 302 -16.76 14.75 -9.39
C GLN A 302 -17.14 13.95 -8.15
N THR A 303 -18.04 14.52 -7.35
CA THR A 303 -18.54 13.92 -6.13
C THR A 303 -19.52 12.78 -6.46
N SER A 304 -19.26 12.11 -7.58
CA SER A 304 -20.07 11.01 -8.11
C SER A 304 -20.16 9.75 -7.25
N LYS A 305 -21.32 9.12 -7.31
CA LYS A 305 -21.56 7.89 -6.56
C LYS A 305 -22.20 6.85 -7.48
N GLU A 306 -22.00 7.03 -8.79
CA GLU A 306 -22.56 6.13 -9.79
C GLU A 306 -21.67 4.91 -9.98
N GLN A 307 -22.14 3.75 -9.50
CA GLN A 307 -21.37 2.50 -9.60
C GLN A 307 -21.61 1.71 -10.88
N ILE A 308 -20.58 1.59 -11.71
CA ILE A 308 -20.69 0.86 -12.96
C ILE A 308 -20.21 -0.59 -12.80
N ARG A 309 -19.34 -0.85 -11.84
CA ARG A 309 -18.83 -2.20 -11.61
C ARG A 309 -18.47 -2.45 -10.15
N LYS A 310 -18.66 -3.69 -9.71
CA LYS A 310 -18.35 -4.09 -8.34
C LYS A 310 -17.88 -5.53 -8.32
N GLN A 311 -16.71 -5.76 -7.74
CA GLN A 311 -16.16 -7.08 -7.66
C GLN A 311 -15.67 -7.38 -6.26
N VAL A 312 -16.04 -8.54 -5.73
CA VAL A 312 -15.62 -8.93 -4.41
C VAL A 312 -14.40 -9.83 -4.51
N VAL A 313 -13.47 -9.67 -3.56
CA VAL A 313 -12.25 -10.45 -3.55
C VAL A 313 -12.12 -11.21 -2.23
N VAL A 314 -12.79 -10.70 -1.20
CA VAL A 314 -12.80 -11.33 0.12
C VAL A 314 -14.17 -11.05 0.71
N ASP A 315 -14.91 -12.09 1.07
CA ASP A 315 -16.22 -11.87 1.63
C ASP A 315 -16.14 -11.29 3.06
N ASN A 316 -17.25 -10.75 3.54
CA ASN A 316 -17.32 -10.13 4.86
C ASN A 316 -17.18 -11.05 6.07
N LEU A 317 -17.08 -12.36 5.83
CA LEU A 317 -16.92 -13.29 6.93
C LEU A 317 -15.43 -13.57 7.15
N ASN A 318 -14.58 -12.80 6.49
CA ASN A 318 -13.14 -13.00 6.59
C ASN A 318 -12.37 -11.70 6.76
N TRP A 319 -11.31 -11.74 7.57
CA TRP A 319 -10.53 -10.55 7.83
C TRP A 319 -9.69 -10.07 6.66
N SER A 320 -9.64 -8.76 6.48
CA SER A 320 -8.86 -8.17 5.42
C SER A 320 -7.78 -7.28 6.03
N GLY A 321 -7.67 -6.04 5.56
CA GLY A 321 -6.67 -5.15 6.11
C GLY A 321 -6.12 -4.24 5.03
N TYR A 322 -4.82 -3.94 5.11
CA TYR A 322 -4.17 -3.07 4.13
C TYR A 322 -4.38 -3.50 2.67
N SER A 323 -4.11 -2.57 1.76
CA SER A 323 -4.23 -2.82 0.33
C SER A 323 -3.59 -1.66 -0.41
N GLY A 324 -2.74 -1.98 -1.40
CA GLY A 324 -2.07 -0.95 -2.15
C GLY A 324 -1.99 -1.24 -3.63
N SER A 325 -1.44 -0.29 -4.37
CA SER A 325 -1.35 -0.44 -5.81
C SER A 325 0.06 -0.53 -6.34
N PHE A 326 0.16 -1.02 -7.57
CA PHE A 326 1.42 -1.15 -8.29
C PHE A 326 1.05 -1.39 -9.73
N THR A 327 1.99 -1.23 -10.64
CA THR A 327 1.69 -1.46 -12.05
C THR A 327 2.63 -2.48 -12.67
N LEU A 328 2.15 -3.14 -13.72
CA LEU A 328 2.96 -4.13 -14.40
C LEU A 328 3.85 -3.41 -15.40
N PRO A 329 5.14 -3.77 -15.44
CA PRO A 329 6.04 -3.12 -16.38
C PRO A 329 5.65 -3.51 -17.81
N VAL A 330 5.70 -2.54 -18.71
CA VAL A 330 5.38 -2.81 -20.10
C VAL A 330 6.23 -3.97 -20.63
N GLU A 331 7.48 -4.06 -20.16
CA GLU A 331 8.40 -5.11 -20.59
C GLU A 331 7.99 -6.52 -20.16
N LEU A 332 6.89 -6.61 -19.41
CA LEU A 332 6.39 -7.91 -18.96
C LEU A 332 4.98 -8.18 -19.45
N SER A 333 4.16 -7.12 -19.52
CA SER A 333 2.77 -7.26 -19.94
C SER A 333 2.61 -7.28 -21.44
N GLY A 334 3.65 -6.84 -22.15
CA GLY A 334 3.60 -6.79 -23.60
C GLY A 334 2.59 -5.76 -24.09
N LYS A 335 1.75 -5.26 -23.19
CA LYS A 335 0.76 -4.26 -23.57
C LYS A 335 1.41 -2.95 -23.90
N ASP A 336 0.59 -1.95 -24.24
CA ASP A 336 1.08 -0.64 -24.57
C ASP A 336 0.72 0.39 -23.51
N CYS A 337 0.17 -0.09 -22.40
CA CYS A 337 -0.19 0.78 -21.26
C CYS A 337 0.20 0.08 -19.97
N LEU A 338 0.28 0.85 -18.88
CA LEU A 338 0.65 0.30 -17.59
C LEU A 338 -0.54 -0.44 -16.99
N VAL A 339 -0.39 -1.74 -16.76
CA VAL A 339 -1.47 -2.54 -16.19
C VAL A 339 -1.58 -2.32 -14.68
N PRO A 340 -2.72 -1.80 -14.21
CA PRO A 340 -2.96 -1.54 -12.79
C PRO A 340 -3.20 -2.83 -12.02
N CYS A 341 -2.51 -2.97 -10.89
CA CYS A 341 -2.66 -4.15 -10.04
C CYS A 341 -2.63 -3.73 -8.60
N PHE A 342 -3.38 -4.44 -7.76
CA PHE A 342 -3.40 -4.13 -6.35
C PHE A 342 -3.26 -5.43 -5.58
N TRP A 343 -3.03 -5.29 -4.28
CA TRP A 343 -2.90 -6.41 -3.38
C TRP A 343 -3.75 -6.10 -2.16
N VAL A 344 -4.21 -7.15 -1.50
CA VAL A 344 -5.01 -6.99 -0.29
C VAL A 344 -4.33 -7.81 0.81
N GLU A 345 -4.09 -7.17 1.95
CA GLU A 345 -3.46 -7.84 3.09
C GLU A 345 -4.55 -8.44 3.97
N MET A 346 -4.35 -9.66 4.45
CA MET A 346 -5.36 -10.28 5.30
C MET A 346 -4.78 -10.62 6.68
N ILE A 347 -5.16 -9.81 7.66
CA ILE A 347 -4.68 -9.94 9.02
C ILE A 347 -5.34 -11.02 9.86
N ARG A 348 -4.50 -11.77 10.57
CA ARG A 348 -4.93 -12.84 11.46
C ARG A 348 -4.25 -12.62 12.81
N GLY A 349 -4.96 -12.94 13.89
CA GLY A 349 -4.37 -12.75 15.20
C GLY A 349 -4.95 -11.52 15.88
N LYS A 350 -4.21 -10.96 16.83
CA LYS A 350 -4.66 -9.78 17.55
C LYS A 350 -4.83 -8.62 16.57
N PRO A 351 -5.74 -7.69 16.88
CA PRO A 351 -6.58 -7.67 18.08
C PRO A 351 -7.95 -8.35 17.94
N GLU A 352 -8.25 -8.91 16.78
CA GLU A 352 -9.54 -9.55 16.61
C GLU A 352 -9.63 -11.01 17.04
N GLU A 353 -8.52 -11.73 17.02
CA GLU A 353 -8.56 -13.15 17.36
C GLU A 353 -7.75 -13.63 18.56
N LYS A 354 -8.09 -14.83 19.05
CA LYS A 354 -7.49 -15.46 20.22
C LYS A 354 -6.08 -16.02 20.06
N THR A 355 -5.12 -15.14 19.79
CA THR A 355 -3.75 -15.57 19.59
C THR A 355 -2.79 -14.60 20.27
N ILE A 356 -1.56 -15.03 20.54
CA ILE A 356 -0.62 -14.10 21.16
C ILE A 356 0.03 -13.25 20.08
N TRP A 357 -0.12 -13.67 18.83
CA TRP A 357 0.48 -13.01 17.67
C TRP A 357 -0.46 -12.28 16.71
N THR A 358 0.16 -11.60 15.76
CA THR A 358 -0.54 -10.90 14.69
C THR A 358 0.37 -11.04 13.47
N SER A 359 -0.24 -11.30 12.31
CA SER A 359 0.51 -11.45 11.06
C SER A 359 -0.50 -11.34 9.93
N SER A 360 -0.05 -11.58 8.70
CA SER A 360 -0.96 -11.53 7.56
C SER A 360 -0.40 -12.19 6.30
N SER A 361 -1.29 -12.52 5.38
CA SER A 361 -0.91 -13.11 4.09
C SER A 361 -1.51 -12.14 3.07
N SER A 362 -1.61 -12.54 1.81
CA SER A 362 -2.15 -11.60 0.84
C SER A 362 -2.67 -12.25 -0.42
N ILE A 363 -3.37 -11.46 -1.22
CA ILE A 363 -3.88 -11.93 -2.49
C ILE A 363 -3.62 -10.78 -3.44
N VAL A 364 -3.16 -11.10 -4.64
CA VAL A 364 -2.85 -10.07 -5.62
C VAL A 364 -3.74 -10.17 -6.84
N MET A 365 -4.25 -9.03 -7.29
CA MET A 365 -5.14 -8.98 -8.43
C MET A 365 -4.57 -8.05 -9.53
N CYS A 366 -4.94 -8.27 -10.79
CA CYS A 366 -4.45 -7.39 -11.84
C CYS A 366 -5.47 -7.00 -12.92
N GLY A 367 -5.26 -5.79 -13.46
CA GLY A 367 -6.10 -5.22 -14.50
C GLY A 367 -7.06 -6.15 -15.21
N VAL A 368 -6.82 -6.40 -16.50
CA VAL A 368 -7.69 -7.28 -17.30
C VAL A 368 -8.85 -6.55 -17.99
N ASP A 369 -9.11 -6.93 -19.23
CA ASP A 369 -10.16 -6.30 -20.03
C ASP A 369 -11.59 -6.76 -19.82
N TYR A 370 -11.81 -7.79 -19.01
CA TYR A 370 -13.16 -8.28 -18.78
C TYR A 370 -13.54 -8.16 -17.31
N GLU A 371 -14.84 -8.29 -17.06
CA GLU A 371 -15.36 -8.24 -15.70
C GLU A 371 -15.17 -9.64 -15.12
N VAL A 372 -14.62 -9.72 -13.91
CA VAL A 372 -14.37 -11.00 -13.26
C VAL A 372 -15.42 -11.26 -12.17
N ALA A 373 -15.77 -12.53 -11.98
CA ALA A 373 -16.79 -12.89 -11.00
C ALA A 373 -16.37 -12.74 -9.53
N ASP A 374 -17.35 -12.53 -8.67
CA ASP A 374 -17.06 -12.36 -7.25
C ASP A 374 -16.67 -13.67 -6.59
N TRP A 375 -15.85 -13.56 -5.55
CA TRP A 375 -15.44 -14.72 -4.80
C TRP A 375 -14.68 -14.27 -3.58
N SER A 376 -14.15 -15.24 -2.84
CA SER A 376 -13.40 -14.94 -1.64
C SER A 376 -12.13 -15.76 -1.60
N TRP A 377 -10.99 -15.11 -1.81
CA TRP A 377 -9.70 -15.79 -1.73
C TRP A 377 -9.12 -15.45 -0.34
N HIS A 378 -9.88 -15.71 0.72
CA HIS A 378 -9.42 -15.39 2.06
C HIS A 378 -8.17 -16.12 2.56
N ASP A 379 -7.68 -15.68 3.72
CA ASP A 379 -6.50 -16.26 4.35
C ASP A 379 -6.60 -17.78 4.50
N GLY A 380 -7.67 -18.25 5.13
CA GLY A 380 -7.86 -19.68 5.29
C GLY A 380 -7.21 -20.37 6.47
N ALA A 381 -6.45 -19.64 7.30
CA ALA A 381 -5.79 -20.28 8.45
C ALA A 381 -6.76 -20.55 9.60
N ILE A 382 -6.50 -21.63 10.32
CA ILE A 382 -7.33 -22.06 11.44
C ILE A 382 -6.73 -21.65 12.78
N LEU A 383 -7.23 -20.56 13.34
CA LEU A 383 -6.72 -20.09 14.62
C LEU A 383 -7.53 -20.67 15.77
N PRO A 384 -6.93 -20.75 16.97
CA PRO A 384 -5.55 -20.34 17.28
C PRO A 384 -4.54 -21.42 16.90
N PHE A 385 -3.26 -21.08 16.99
CA PHE A 385 -2.19 -22.03 16.68
C PHE A 385 -1.67 -22.72 17.94
N ASP A 386 -0.82 -23.71 17.76
CA ASP A 386 -0.26 -24.43 18.89
C ASP A 386 0.31 -23.38 19.84
N ILE A 387 0.41 -22.17 19.33
CA ILE A 387 0.89 -21.00 20.05
C ILE A 387 2.41 -20.90 19.97
C2 BCZ B . 1.37 0.49 11.32
N25 BCZ B . 2.45 0.49 10.34
C26 BCZ B . 3.53 -0.20 10.54
N30 BCZ B . 3.83 -0.98 11.63
N27 BCZ B . 4.50 -0.17 9.57
C3 BCZ B . 0.67 1.89 11.36
C10 BCZ B . 1.43 3.12 12.00
C24 BCZ B . 0.54 4.47 11.93
C37 BCZ B . 0.18 4.86 10.45
C38 BCZ B . -1.21 5.51 10.22
C36 BCZ B . 1.33 5.66 12.62
C39 BCZ B . 1.74 5.41 14.10
N11 BCZ B . 2.70 3.35 11.29
C13 BCZ B . 3.88 3.03 11.90
C15 BCZ B . 5.17 3.27 11.14
O14 BCZ B . 3.99 2.55 13.02
C4 BCZ B . -0.68 1.58 12.09
O9 BCZ B . -0.51 1.78 13.53
C5 BCZ B . -1.01 0.08 11.83
C6 BCZ B . -2.34 -0.17 11.20
O8 BCZ B . -2.71 -1.26 10.80
O7 BCZ B . -3.19 0.88 11.10
C1 BCZ B . 0.18 -0.45 10.97
#